data_4P8U
#
_entry.id   4P8U
#
_cell.length_a   70.764
_cell.length_b   70.764
_cell.length_c   141.179
_cell.angle_alpha   90.00
_cell.angle_beta   90.00
_cell.angle_gamma   90.00
#
_symmetry.space_group_name_H-M   'P 41 21 2'
#
loop_
_entity.id
_entity.type
_entity.pdbx_description
1 polymer 'Chitinase-3-like protein 2'
2 non-polymer 'SULFATE ION'
3 non-polymer DI(HYDROXYETHYL)ETHER
4 water water
#
_entity_poly.entity_id   1
_entity_poly.type   'polypeptide(L)'
_entity_poly.pdbx_seq_one_letter_code
;AMADIGSYKLVCYFTNWSQDRQEPGKFTPENIDPFLCSHLIYSFASIENNKVIIKDKSEVMLYQTINSLKTKNPKLKILL
SIGGYLFGSKGFHPMVDSSTSRLEFINSIILFLRNHNFDGLDVSWIYPDQKENTHFTVLIHELAEAFQKDFTKSTKERLL
LTVGVSAGRQMIDNSYQVEKLAKDLDFINLLSFDFHGSWEKPLITGHNSPLSKGWQDRGPSSYYNVEYAVGYWIHKGMPS
EKVVMGIPTYGHSFTLASAETTVGAPASGPGAAGPITESSGFLAYYEICQFLKGAKITWLQDQQVPYAVKGNQWVGYDDV
KSMETKVQFLKNLNLGGAMIWSIDMDDFTGKSCNQGPYPLVQAVKRSLGSL
;
_entity_poly.pdbx_strand_id   A
#
loop_
_chem_comp.id
_chem_comp.type
_chem_comp.name
_chem_comp.formula
PEG non-polymer DI(HYDROXYETHYL)ETHER 'C4 H10 O3'
SO4 non-polymer 'SULFATE ION' 'O4 S -2'
#
# COMPACT_ATOMS: atom_id res chain seq x y z
N SER A 7 12.78 9.85 -12.93
CA SER A 7 13.35 8.48 -12.74
C SER A 7 12.79 7.71 -11.53
N TYR A 8 11.56 8.01 -11.15
CA TYR A 8 10.93 7.39 -10.01
C TYR A 8 9.66 6.75 -10.46
N LYS A 9 9.22 5.71 -9.75
CA LYS A 9 7.94 5.08 -10.04
C LYS A 9 6.88 5.63 -9.13
N LEU A 10 5.65 5.68 -9.64
CA LEU A 10 4.50 5.97 -8.82
C LEU A 10 3.55 4.78 -8.90
N VAL A 11 3.54 3.99 -7.84
CA VAL A 11 2.78 2.75 -7.82
C VAL A 11 1.52 2.92 -6.99
N CYS A 12 0.37 2.77 -7.65
CA CYS A 12 -0.92 2.99 -7.04
C CYS A 12 -1.73 1.75 -6.95
N TYR A 13 -2.07 1.40 -5.73
CA TYR A 13 -2.99 0.31 -5.48
C TYR A 13 -4.41 0.84 -5.57
N PHE A 14 -5.31 -0.01 -6.01
CA PHE A 14 -6.71 0.32 -5.97
C PHE A 14 -7.41 -0.97 -5.64
N THR A 15 -8.58 -0.88 -5.04
CA THR A 15 -9.22 -2.08 -4.47
C THR A 15 -10.51 -2.44 -5.15
N ASN A 16 -10.91 -3.69 -5.03
CA ASN A 16 -12.14 -4.17 -5.64
C ASN A 16 -13.38 -4.11 -4.72
N TRP A 17 -13.24 -3.52 -3.54
CA TRP A 17 -14.35 -3.39 -2.63
C TRP A 17 -14.82 -1.97 -2.46
N SER A 18 -14.08 -1.00 -2.95
CA SER A 18 -14.53 0.40 -2.90
C SER A 18 -15.74 0.64 -3.80
N GLN A 19 -16.09 -0.36 -4.59
CA GLN A 19 -17.16 -0.20 -5.54
C GLN A 19 -18.49 -0.54 -4.84
N ASP A 20 -18.40 -1.28 -3.73
CA ASP A 20 -19.54 -1.60 -2.92
C ASP A 20 -19.91 -0.45 -2.01
N ARG A 21 -18.98 0.49 -1.86
CA ARG A 21 -19.24 1.69 -1.10
C ARG A 21 -20.36 2.47 -1.71
N GLN A 22 -20.87 3.38 -0.91
CA GLN A 22 -21.95 4.26 -1.32
C GLN A 22 -21.39 5.54 -1.89
N GLU A 23 -22.13 6.13 -2.82
CA GLU A 23 -21.75 7.41 -3.35
C GLU A 23 -21.54 8.39 -2.17
N PRO A 24 -20.57 9.33 -2.31
CA PRO A 24 -19.77 9.41 -3.48
C PRO A 24 -18.44 8.80 -3.19
N GLY A 25 -18.45 7.67 -2.47
CA GLY A 25 -17.22 6.94 -2.19
C GLY A 25 -17.05 5.79 -3.15
N LYS A 26 -18.08 5.55 -3.96
CA LYS A 26 -18.09 4.49 -4.95
C LYS A 26 -16.97 4.72 -5.93
N PHE A 27 -16.09 3.72 -6.02
CA PHE A 27 -14.95 3.76 -6.93
C PHE A 27 -14.95 2.51 -7.82
N THR A 28 -14.81 2.70 -9.13
CA THR A 28 -14.51 1.57 -10.04
C THR A 28 -13.28 1.90 -10.88
N PRO A 29 -12.69 0.89 -11.55
CA PRO A 29 -11.56 1.24 -12.41
C PRO A 29 -11.81 2.39 -13.39
N GLU A 30 -13.05 2.59 -13.78
CA GLU A 30 -13.38 3.70 -14.68
C GLU A 30 -13.01 5.05 -14.09
N ASN A 31 -12.83 5.10 -12.78
CA ASN A 31 -12.42 6.31 -12.10
C ASN A 31 -10.96 6.70 -12.29
N ILE A 32 -10.19 5.77 -12.83
CA ILE A 32 -8.76 5.90 -12.86
C ILE A 32 -8.26 6.80 -13.96
N ASP A 33 -7.34 7.67 -13.58
CA ASP A 33 -6.64 8.52 -14.53
C ASP A 33 -5.43 7.78 -15.04
N PRO A 34 -5.47 7.36 -16.34
CA PRO A 34 -4.33 6.57 -16.80
C PRO A 34 -2.97 7.23 -16.77
N PHE A 35 -2.90 8.55 -16.56
CA PHE A 35 -1.60 9.21 -16.52
C PHE A 35 -1.20 9.63 -15.12
N LEU A 36 -1.94 9.18 -14.12
CA LEU A 36 -1.68 9.60 -12.74
C LEU A 36 -0.49 8.91 -12.17
N CYS A 37 -0.55 7.59 -12.16
CA CYS A 37 0.48 6.74 -11.59
C CYS A 37 1.25 6.13 -12.72
N SER A 38 2.45 5.60 -12.44
CA SER A 38 3.19 4.85 -13.45
C SER A 38 2.79 3.38 -13.47
N HIS A 39 2.46 2.85 -12.29
CA HIS A 39 1.94 1.51 -12.15
C HIS A 39 0.63 1.52 -11.37
N LEU A 40 -0.21 0.56 -11.66
CA LEU A 40 -1.47 0.38 -10.97
C LEU A 40 -1.49 -1.04 -10.51
N ILE A 41 -2.07 -1.27 -9.33
CA ILE A 41 -2.21 -2.61 -8.83
C ILE A 41 -3.62 -2.91 -8.34
N TYR A 42 -4.17 -3.97 -8.84
CA TYR A 42 -5.51 -4.37 -8.47
C TYR A 42 -5.46 -5.26 -7.26
N SER A 43 -6.22 -4.89 -6.24
CA SER A 43 -6.29 -5.68 -5.00
C SER A 43 -7.68 -6.21 -4.78
N PHE A 44 -7.85 -7.51 -4.67
CA PHE A 44 -6.78 -8.49 -4.72
C PHE A 44 -7.36 -9.65 -5.48
N ALA A 45 -6.48 -10.49 -6.00
CA ALA A 45 -6.95 -11.71 -6.60
C ALA A 45 -7.05 -12.74 -5.51
N SER A 46 -7.37 -13.95 -5.88
CA SER A 46 -7.41 -15.03 -4.93
C SER A 46 -7.00 -16.32 -5.60
N ILE A 47 -7.20 -17.42 -4.88
CA ILE A 47 -6.79 -18.75 -5.34
C ILE A 47 -7.83 -19.82 -5.08
N GLU A 48 -8.06 -20.64 -6.09
CA GLU A 48 -9.00 -21.76 -5.99
C GLU A 48 -8.51 -22.88 -6.87
N ASN A 49 -8.36 -24.04 -6.26
CA ASN A 49 -7.79 -25.18 -6.93
C ASN A 49 -6.41 -24.86 -7.49
N ASN A 50 -5.57 -24.32 -6.61
CA ASN A 50 -4.20 -23.96 -6.98
C ASN A 50 -4.12 -23.18 -8.27
N LYS A 51 -5.14 -22.40 -8.53
CA LYS A 51 -5.11 -21.52 -9.67
C LYS A 51 -5.55 -20.14 -9.27
N VAL A 52 -4.93 -19.15 -9.89
CA VAL A 52 -5.31 -17.78 -9.66
C VAL A 52 -6.72 -17.53 -10.21
N ILE A 53 -7.44 -16.67 -9.53
CA ILE A 53 -8.82 -16.38 -9.87
C ILE A 53 -9.12 -15.03 -9.26
N ILE A 54 -10.02 -14.28 -9.89
CA ILE A 54 -10.52 -13.01 -9.35
C ILE A 54 -11.98 -13.15 -8.92
N LYS A 55 -12.28 -12.72 -7.71
CA LYS A 55 -13.65 -12.72 -7.22
C LYS A 55 -14.16 -11.30 -7.19
N ASP A 56 -14.84 -10.92 -8.25
CA ASP A 56 -15.35 -9.56 -8.33
C ASP A 56 -16.48 -9.59 -9.36
N LYS A 57 -17.64 -9.15 -8.94
CA LYS A 57 -18.78 -9.16 -9.84
C LYS A 57 -18.51 -8.25 -11.01
N SER A 58 -17.57 -7.32 -10.85
CA SER A 58 -17.18 -6.44 -11.95
C SER A 58 -15.86 -6.84 -12.61
N GLU A 59 -15.64 -8.15 -12.67
CA GLU A 59 -14.44 -8.74 -13.24
C GLU A 59 -14.24 -8.37 -14.68
N VAL A 60 -15.21 -8.71 -15.53
CA VAL A 60 -15.09 -8.47 -16.96
C VAL A 60 -15.07 -7.00 -17.36
N MET A 61 -15.64 -6.15 -16.52
CA MET A 61 -15.57 -4.70 -16.76
C MET A 61 -14.18 -4.20 -16.41
N LEU A 62 -13.55 -4.86 -15.46
CA LEU A 62 -12.15 -4.56 -15.13
C LEU A 62 -11.24 -4.73 -16.37
N TYR A 63 -11.30 -5.90 -16.97
CA TYR A 63 -10.53 -6.13 -18.19
C TYR A 63 -10.74 -5.04 -19.20
N GLN A 64 -12.00 -4.69 -19.43
CA GLN A 64 -12.34 -3.59 -20.34
C GLN A 64 -11.56 -2.31 -20.02
N THR A 65 -11.51 -1.97 -18.76
CA THR A 65 -10.91 -0.72 -18.37
C THR A 65 -9.41 -0.86 -18.47
N ILE A 66 -8.93 -2.02 -18.09
CA ILE A 66 -7.51 -2.26 -18.15
C ILE A 66 -6.97 -2.02 -19.54
N ASN A 67 -7.67 -2.55 -20.54
CA ASN A 67 -7.23 -2.40 -21.92
C ASN A 67 -7.34 -0.98 -22.38
N SER A 68 -8.52 -0.41 -22.13
CA SER A 68 -8.79 0.98 -22.42
C SER A 68 -7.76 1.88 -21.77
N LEU A 69 -7.43 1.61 -20.51
CA LEU A 69 -6.44 2.43 -19.84
C LEU A 69 -5.11 2.35 -20.54
N LYS A 70 -4.73 1.13 -20.91
CA LYS A 70 -3.39 0.88 -21.46
C LYS A 70 -3.23 1.35 -22.90
N THR A 71 -4.30 1.28 -23.67
CA THR A 71 -4.32 1.95 -24.97
C THR A 71 -4.03 3.43 -24.84
N LYS A 72 -4.56 4.06 -23.79
CA LYS A 72 -4.38 5.50 -23.64
C LYS A 72 -3.03 5.87 -23.12
N ASN A 73 -2.48 5.04 -22.24
CA ASN A 73 -1.12 5.27 -21.79
C ASN A 73 -0.28 4.05 -22.09
N PRO A 74 0.39 4.04 -23.27
CA PRO A 74 1.26 2.88 -23.51
C PRO A 74 2.40 2.68 -22.55
N LYS A 75 2.71 3.67 -21.73
CA LYS A 75 3.76 3.50 -20.75
C LYS A 75 3.21 2.94 -19.44
N LEU A 76 1.91 2.73 -19.37
CA LEU A 76 1.32 2.35 -18.11
C LEU A 76 1.51 0.89 -17.86
N LYS A 77 1.89 0.55 -16.64
CA LYS A 77 1.97 -0.83 -16.18
C LYS A 77 0.81 -1.09 -15.25
N ILE A 78 0.28 -2.29 -15.28
CA ILE A 78 -0.78 -2.62 -14.37
C ILE A 78 -0.55 -4.01 -13.86
N LEU A 79 -0.43 -4.16 -12.55
CA LEU A 79 -0.20 -5.46 -11.98
C LEU A 79 -1.42 -6.02 -11.28
N LEU A 80 -1.38 -7.30 -11.02
CA LEU A 80 -2.44 -7.98 -10.31
C LEU A 80 -1.84 -8.39 -9.01
N SER A 81 -2.46 -8.01 -7.91
CA SER A 81 -1.93 -8.32 -6.61
C SER A 81 -2.72 -9.44 -6.04
N ILE A 82 -2.01 -10.31 -5.31
CA ILE A 82 -2.61 -11.48 -4.70
C ILE A 82 -2.22 -11.52 -3.24
N GLY A 83 -3.19 -11.68 -2.37
CA GLY A 83 -2.90 -11.68 -0.93
C GLY A 83 -3.81 -10.72 -0.21
N GLY A 84 -3.20 -9.89 0.63
CA GLY A 84 -3.93 -8.84 1.31
C GLY A 84 -4.21 -9.31 2.70
N TYR A 85 -4.60 -8.36 3.54
CA TYR A 85 -4.86 -8.66 4.93
C TYR A 85 -5.80 -9.86 5.13
N LEU A 86 -7.02 -9.77 4.58
CA LEU A 86 -8.05 -10.79 4.79
C LEU A 86 -7.62 -12.16 4.31
N PHE A 87 -6.81 -12.20 3.27
CA PHE A 87 -6.41 -13.47 2.71
C PHE A 87 -5.46 -14.20 3.66
N GLY A 88 -4.61 -13.44 4.33
CA GLY A 88 -3.71 -13.98 5.32
C GLY A 88 -2.73 -14.98 4.73
N SER A 89 -2.39 -16.00 5.53
CA SER A 89 -1.49 -17.05 5.09
C SER A 89 -2.27 -18.26 4.61
N LYS A 90 -3.30 -18.60 5.39
CA LYS A 90 -4.32 -19.59 5.04
C LYS A 90 -4.61 -19.66 3.54
N GLY A 91 -4.91 -18.50 2.97
CA GLY A 91 -5.27 -18.43 1.57
C GLY A 91 -4.26 -19.13 0.68
N PHE A 92 -3.03 -19.15 1.16
CA PHE A 92 -1.94 -19.67 0.38
C PHE A 92 -1.83 -21.19 0.51
N HIS A 93 -2.62 -21.76 1.40
CA HIS A 93 -2.63 -23.19 1.52
C HIS A 93 -3.87 -23.81 0.89
N PRO A 94 -3.68 -24.97 0.23
CA PRO A 94 -2.40 -25.64 0.29
C PRO A 94 -1.58 -25.44 -0.97
N MET A 95 -1.74 -24.31 -1.63
CA MET A 95 -1.02 -24.10 -2.87
C MET A 95 0.49 -24.21 -2.70
N VAL A 96 0.98 -23.71 -1.59
CA VAL A 96 2.42 -23.64 -1.36
C VAL A 96 3.06 -24.96 -0.94
N ASP A 97 2.26 -25.97 -0.63
CA ASP A 97 2.79 -27.21 -0.03
C ASP A 97 3.43 -28.21 -1.01
N SER A 98 3.58 -27.85 -2.28
CA SER A 98 4.18 -28.81 -3.21
C SER A 98 4.80 -28.09 -4.39
N SER A 99 5.92 -28.58 -4.87
CA SER A 99 6.50 -28.04 -6.11
C SER A 99 5.52 -28.29 -7.25
N THR A 100 4.72 -29.35 -7.11
CA THR A 100 3.69 -29.68 -8.10
C THR A 100 2.48 -28.75 -8.01
N SER A 101 2.05 -28.48 -6.78
CA SER A 101 0.98 -27.53 -6.54
C SER A 101 1.44 -26.14 -6.95
N ARG A 102 2.62 -25.74 -6.51
CA ARG A 102 3.11 -24.40 -6.78
C ARG A 102 3.37 -24.18 -8.24
N LEU A 103 3.68 -25.24 -8.97
CA LEU A 103 3.97 -25.09 -10.38
C LEU A 103 2.66 -24.92 -11.16
N GLU A 104 1.65 -25.65 -10.73
CA GLU A 104 0.34 -25.50 -11.34
C GLU A 104 -0.11 -24.05 -11.18
N PHE A 105 0.06 -23.53 -9.96
CA PHE A 105 -0.27 -22.15 -9.66
C PHE A 105 0.44 -21.18 -10.57
N ILE A 106 1.75 -21.32 -10.61
CA ILE A 106 2.57 -20.35 -11.29
C ILE A 106 2.22 -20.37 -12.74
N ASN A 107 1.96 -21.56 -13.26
CA ASN A 107 1.62 -21.65 -14.66
C ASN A 107 0.32 -20.90 -14.98
N SER A 108 -0.59 -20.87 -14.01
CA SER A 108 -1.88 -20.23 -14.20
C SER A 108 -1.74 -18.73 -14.11
N ILE A 109 -0.85 -18.27 -13.24
CA ILE A 109 -0.51 -16.86 -13.21
C ILE A 109 -0.07 -16.40 -14.57
N ILE A 110 0.93 -17.06 -15.10
CA ILE A 110 1.52 -16.58 -16.34
C ILE A 110 0.47 -16.51 -17.41
N LEU A 111 -0.36 -17.54 -17.49
CA LEU A 111 -1.41 -17.59 -18.47
C LEU A 111 -2.45 -16.51 -18.25
N PHE A 112 -2.83 -16.32 -16.97
CA PHE A 112 -3.82 -15.31 -16.60
C PHE A 112 -3.39 -13.93 -16.99
N LEU A 113 -2.23 -13.53 -16.49
CA LEU A 113 -1.74 -12.17 -16.72
C LEU A 113 -1.60 -11.87 -18.17
N ARG A 114 -1.11 -12.83 -18.93
CA ARG A 114 -0.95 -12.62 -20.35
C ARG A 114 -2.30 -12.54 -21.03
N ASN A 115 -3.22 -13.38 -20.62
CA ASN A 115 -4.56 -13.36 -21.20
C ASN A 115 -5.27 -12.04 -20.95
N HIS A 116 -5.04 -11.45 -19.79
CA HIS A 116 -5.78 -10.27 -19.42
C HIS A 116 -4.95 -9.01 -19.33
N ASN A 117 -3.87 -8.98 -20.10
CA ASN A 117 -3.14 -7.76 -20.35
C ASN A 117 -2.57 -7.11 -19.10
N PHE A 118 -2.21 -7.93 -18.14
CA PHE A 118 -1.51 -7.48 -16.95
C PHE A 118 -0.02 -7.49 -17.24
N ASP A 119 0.72 -6.67 -16.52
CA ASP A 119 2.14 -6.52 -16.82
C ASP A 119 3.01 -7.22 -15.82
N GLY A 120 2.41 -7.76 -14.75
CA GLY A 120 3.22 -8.34 -13.69
C GLY A 120 2.34 -8.82 -12.56
N LEU A 121 2.97 -9.32 -11.50
CA LEU A 121 2.25 -9.79 -10.35
C LEU A 121 2.85 -9.25 -9.06
N ASP A 122 1.97 -8.79 -8.17
CA ASP A 122 2.38 -8.35 -6.85
C ASP A 122 1.92 -9.41 -5.91
N VAL A 123 2.77 -9.73 -4.96
CA VAL A 123 2.44 -10.72 -3.98
C VAL A 123 2.47 -10.03 -2.67
N SER A 124 1.29 -9.74 -2.14
CA SER A 124 1.15 -9.15 -0.83
C SER A 124 0.74 -10.20 0.17
N TRP A 125 1.71 -10.99 0.63
CA TRP A 125 1.48 -11.96 1.69
C TRP A 125 1.53 -11.22 3.00
N ILE A 126 0.41 -11.20 3.71
CA ILE A 126 0.32 -10.47 4.96
C ILE A 126 0.00 -11.44 6.08
N TYR A 127 1.00 -11.89 6.83
CA TYR A 127 2.42 -11.71 6.55
C TYR A 127 3.05 -13.07 6.71
N PRO A 128 4.14 -13.37 5.98
CA PRO A 128 4.62 -14.73 6.16
C PRO A 128 4.94 -15.04 7.60
N ASP A 129 5.66 -14.13 8.24
CA ASP A 129 6.14 -14.33 9.61
C ASP A 129 7.08 -15.55 9.71
N GLN A 130 7.35 -15.97 10.94
CA GLN A 130 8.21 -17.10 11.18
C GLN A 130 7.79 -18.28 10.36
N LYS A 131 6.53 -18.67 10.52
CA LYS A 131 6.01 -19.93 9.98
C LYS A 131 6.15 -20.12 8.47
N GLU A 132 5.94 -19.06 7.69
CA GLU A 132 5.88 -19.20 6.23
C GLU A 132 7.01 -18.50 5.52
N ASN A 133 7.96 -18.03 6.30
CA ASN A 133 9.18 -17.46 5.77
C ASN A 133 9.61 -18.27 4.56
N THR A 134 9.66 -19.57 4.76
CA THR A 134 10.21 -20.50 3.79
C THR A 134 9.40 -20.60 2.48
N HIS A 135 8.11 -20.91 2.62
CA HIS A 135 7.19 -20.97 1.48
C HIS A 135 7.17 -19.69 0.67
N PHE A 136 7.07 -18.57 1.38
CA PHE A 136 7.12 -17.29 0.72
C PHE A 136 8.34 -17.22 -0.18
N THR A 137 9.49 -17.51 0.42
CA THR A 137 10.77 -17.39 -0.21
C THR A 137 10.90 -18.29 -1.43
N VAL A 138 10.34 -19.49 -1.31
CA VAL A 138 10.34 -20.43 -2.40
C VAL A 138 9.39 -19.94 -3.49
N LEU A 139 8.22 -19.47 -3.04
CA LEU A 139 7.20 -19.06 -3.97
C LEU A 139 7.77 -17.98 -4.85
N ILE A 140 8.27 -16.95 -4.20
CA ILE A 140 8.87 -15.86 -4.91
C ILE A 140 9.93 -16.34 -5.85
N HIS A 141 10.85 -17.17 -5.34
CA HIS A 141 11.97 -17.59 -6.15
C HIS A 141 11.52 -18.38 -7.37
N GLU A 142 10.61 -19.31 -7.14
CA GLU A 142 10.07 -20.10 -8.23
C GLU A 142 9.34 -19.18 -9.21
N LEU A 143 8.73 -18.14 -8.66
CA LEU A 143 8.02 -17.19 -9.50
C LEU A 143 8.94 -16.45 -10.44
N ALA A 144 9.99 -15.85 -9.86
CA ALA A 144 10.95 -15.09 -10.67
C ALA A 144 11.56 -15.93 -11.76
N GLU A 145 11.98 -17.15 -11.38
CA GLU A 145 12.58 -18.11 -12.32
C GLU A 145 11.69 -18.35 -13.51
N ALA A 146 10.44 -18.71 -13.20
CA ALA A 146 9.44 -18.98 -14.21
C ALA A 146 9.16 -17.77 -15.07
N PHE A 147 9.09 -16.60 -14.46
CA PHE A 147 8.94 -15.40 -15.27
C PHE A 147 10.07 -15.29 -16.25
N GLN A 148 11.29 -15.54 -15.78
CA GLN A 148 12.47 -15.45 -16.66
C GLN A 148 12.40 -16.42 -17.85
N LYS A 149 12.06 -17.67 -17.56
CA LYS A 149 11.92 -18.63 -18.63
C LYS A 149 10.89 -18.17 -19.64
N ASP A 150 9.73 -17.75 -19.15
CA ASP A 150 8.68 -17.25 -20.03
C ASP A 150 9.18 -16.08 -20.85
N PHE A 151 10.12 -15.33 -20.30
CA PHE A 151 10.68 -14.19 -21.01
C PHE A 151 11.54 -14.63 -22.18
N THR A 152 12.49 -15.50 -21.88
CA THR A 152 13.39 -16.05 -22.92
C THR A 152 12.62 -16.46 -24.18
N LYS A 153 11.55 -17.23 -23.98
CA LYS A 153 10.77 -17.78 -25.10
C LYS A 153 9.71 -16.84 -25.66
N SER A 154 9.71 -15.57 -25.26
CA SER A 154 8.63 -14.67 -25.63
C SER A 154 9.08 -13.39 -26.30
N THR A 155 8.19 -12.82 -27.10
CA THR A 155 8.42 -11.52 -27.71
C THR A 155 7.64 -10.43 -26.96
N LYS A 156 7.31 -10.72 -25.70
CA LYS A 156 6.58 -9.78 -24.87
C LYS A 156 7.56 -9.30 -23.84
N GLU A 157 7.23 -8.20 -23.17
CA GLU A 157 8.04 -7.76 -22.05
C GLU A 157 8.01 -8.83 -20.97
N ARG A 158 8.90 -8.70 -20.03
CA ARG A 158 9.05 -9.70 -19.02
C ARG A 158 8.08 -9.38 -17.93
N LEU A 159 7.39 -10.39 -17.43
CA LEU A 159 6.45 -10.19 -16.36
C LEU A 159 7.17 -9.69 -15.16
N LEU A 160 6.56 -8.73 -14.49
CA LEU A 160 7.15 -8.13 -13.33
C LEU A 160 6.67 -8.85 -12.14
N LEU A 161 7.52 -8.89 -11.13
CA LEU A 161 7.20 -9.49 -9.88
C LEU A 161 7.59 -8.52 -8.82
N THR A 162 6.66 -8.25 -7.94
CA THR A 162 6.91 -7.34 -6.83
C THR A 162 6.21 -7.97 -5.66
N VAL A 163 6.36 -7.35 -4.50
CA VAL A 163 5.69 -7.83 -3.34
C VAL A 163 5.48 -6.68 -2.37
N GLY A 164 4.30 -6.66 -1.76
CA GLY A 164 4.02 -5.73 -0.68
C GLY A 164 4.59 -6.39 0.54
N VAL A 165 5.34 -5.63 1.34
CA VAL A 165 6.08 -6.20 2.48
C VAL A 165 5.98 -5.34 3.71
N SER A 166 6.25 -5.95 4.85
CA SER A 166 6.04 -5.26 6.12
C SER A 166 7.12 -4.24 6.36
N ALA A 167 6.77 -3.29 7.21
CA ALA A 167 7.69 -2.24 7.58
C ALA A 167 7.94 -2.28 9.07
N GLY A 168 7.63 -3.40 9.69
CA GLY A 168 7.94 -3.62 11.12
C GLY A 168 9.18 -4.49 11.26
N ARG A 169 10.13 -4.06 12.08
CA ARG A 169 11.43 -4.72 12.13
C ARG A 169 11.28 -6.20 12.42
N GLN A 170 10.68 -6.51 13.55
CA GLN A 170 10.45 -7.88 13.94
C GLN A 170 9.91 -8.70 12.77
N MET A 171 8.76 -8.27 12.25
CA MET A 171 8.11 -9.00 11.19
C MET A 171 8.99 -9.11 9.96
N ILE A 172 9.84 -8.12 9.75
CA ILE A 172 10.78 -8.17 8.64
C ILE A 172 11.82 -9.25 8.87
N ASP A 173 12.37 -9.27 10.09
CA ASP A 173 13.41 -10.24 10.43
C ASP A 173 12.81 -11.62 10.37
N ASN A 174 11.60 -11.74 10.92
CA ASN A 174 10.89 -13.01 10.94
C ASN A 174 10.54 -13.56 9.57
N SER A 175 10.20 -12.68 8.62
CA SER A 175 9.51 -13.12 7.42
C SER A 175 10.37 -13.28 6.16
N TYR A 176 11.39 -12.45 6.02
CA TYR A 176 12.06 -12.39 4.72
C TYR A 176 13.52 -12.75 4.74
N GLN A 177 13.92 -13.42 3.66
CA GLN A 177 15.30 -13.60 3.30
C GLN A 177 15.58 -12.48 2.32
N VAL A 178 15.83 -11.29 2.87
CA VAL A 178 15.92 -10.08 2.06
C VAL A 178 16.95 -10.18 0.94
N GLU A 179 18.05 -10.82 1.27
CA GLU A 179 19.19 -10.93 0.38
C GLU A 179 18.76 -11.54 -0.95
N LYS A 180 18.11 -12.69 -0.86
CA LYS A 180 17.45 -13.38 -1.99
C LYS A 180 16.32 -12.55 -2.56
N LEU A 181 15.48 -12.04 -1.67
CA LEU A 181 14.36 -11.22 -2.09
C LEU A 181 14.82 -10.16 -3.08
N ALA A 182 15.98 -9.58 -2.80
CA ALA A 182 16.49 -8.52 -3.62
C ALA A 182 16.74 -8.96 -5.07
N LYS A 183 17.01 -10.24 -5.29
CA LYS A 183 17.34 -10.74 -6.63
C LYS A 183 16.10 -11.15 -7.39
N ASP A 184 15.14 -11.70 -6.66
CA ASP A 184 13.92 -12.22 -7.29
C ASP A 184 12.91 -11.12 -7.64
N LEU A 185 12.84 -10.08 -6.82
CA LEU A 185 11.87 -9.00 -7.00
C LEU A 185 12.38 -7.89 -7.84
N ASP A 186 11.50 -7.38 -8.69
CA ASP A 186 11.82 -6.21 -9.48
C ASP A 186 11.83 -5.01 -8.56
N PHE A 187 10.98 -5.04 -7.54
CA PHE A 187 11.04 -4.08 -6.46
C PHE A 187 10.05 -4.46 -5.38
N ILE A 188 10.15 -3.79 -4.25
CA ILE A 188 9.17 -4.01 -3.21
C ILE A 188 8.27 -2.81 -3.05
N ASN A 189 7.03 -3.09 -2.65
CA ASN A 189 6.11 -2.09 -2.18
C ASN A 189 6.10 -2.14 -0.68
N LEU A 190 6.73 -1.16 -0.07
CA LEU A 190 6.94 -1.13 1.36
C LEU A 190 5.68 -0.62 2.03
N LEU A 191 5.04 -1.47 2.81
CA LEU A 191 3.80 -1.05 3.46
C LEU A 191 4.10 -0.24 4.70
N SER A 192 4.72 0.91 4.46
CA SER A 192 5.18 1.80 5.53
C SER A 192 4.07 2.72 6.05
N PHE A 193 3.05 2.10 6.63
CA PHE A 193 1.96 2.83 7.26
C PHE A 193 1.22 1.84 8.13
N ASP A 194 0.21 2.30 8.84
CA ASP A 194 -0.49 1.46 9.80
C ASP A 194 0.46 1.09 10.90
N PHE A 195 1.26 2.07 11.29
CA PHE A 195 2.14 1.89 12.41
C PHE A 195 1.32 1.92 13.67
N HIS A 196 0.51 2.97 13.80
CA HIS A 196 -0.40 3.13 14.93
C HIS A 196 -1.85 3.20 14.47
N GLY A 197 -2.69 2.57 15.29
CA GLY A 197 -4.13 2.52 15.07
C GLY A 197 -4.76 2.24 16.42
N SER A 198 -6.06 1.95 16.41
CA SER A 198 -6.83 1.77 17.65
C SER A 198 -6.72 0.36 18.23
N TRP A 199 -5.83 -0.44 17.65
CA TRP A 199 -5.63 -1.81 18.08
C TRP A 199 -4.48 -1.91 19.09
N GLU A 200 -3.85 -0.79 19.37
CA GLU A 200 -2.70 -0.77 20.26
C GLU A 200 -3.15 -0.87 21.71
N LYS A 201 -2.29 -1.53 22.52
CA LYS A 201 -2.45 -1.61 23.99
C LYS A 201 -1.12 -1.28 24.69
N PRO A 202 -1.10 -0.21 25.50
CA PRO A 202 -2.33 0.47 25.88
C PRO A 202 -2.95 1.23 24.72
N LEU A 203 -4.03 1.94 25.01
CA LEU A 203 -4.70 2.68 23.99
C LEU A 203 -4.45 4.17 24.11
N ILE A 204 -3.51 4.65 23.32
CA ILE A 204 -3.21 6.06 23.25
C ILE A 204 -3.02 6.51 21.80
N THR A 205 -3.19 7.80 21.57
CA THR A 205 -3.07 8.33 20.24
C THR A 205 -1.65 8.21 19.72
N GLY A 206 -1.56 7.77 18.47
CA GLY A 206 -0.32 7.72 17.73
C GLY A 206 -0.62 7.92 16.27
N HIS A 207 0.40 8.26 15.49
CA HIS A 207 0.20 8.54 14.10
C HIS A 207 0.30 7.29 13.25
N ASN A 208 -0.58 7.22 12.27
CA ASN A 208 -0.67 6.12 11.33
C ASN A 208 0.62 5.92 10.53
N SER A 209 1.30 7.00 10.17
CA SER A 209 2.39 6.89 9.25
C SER A 209 3.44 7.95 9.44
N PRO A 210 4.13 7.95 10.62
CA PRO A 210 5.07 9.04 10.78
C PRO A 210 6.39 8.85 10.03
N LEU A 211 6.90 9.96 9.53
CA LEU A 211 8.10 9.94 8.74
C LEU A 211 9.28 9.60 9.59
N SER A 212 9.39 10.26 10.73
CA SER A 212 10.46 9.95 11.68
C SER A 212 9.95 9.82 13.10
N LYS A 213 10.83 9.34 13.97
CA LYS A 213 10.46 9.02 15.34
C LYS A 213 10.12 10.26 16.15
N GLY A 214 9.19 10.10 17.07
CA GLY A 214 8.92 11.13 18.07
C GLY A 214 10.08 11.14 19.05
N TRP A 215 10.38 12.29 19.63
CA TRP A 215 11.49 12.34 20.60
C TRP A 215 11.43 11.22 21.61
N GLN A 216 10.22 10.99 22.14
CA GLN A 216 10.04 10.05 23.21
C GLN A 216 10.04 8.60 22.74
N ASP A 217 9.98 8.36 21.44
CA ASP A 217 10.04 7.00 20.95
C ASP A 217 11.39 6.43 21.31
N ARG A 218 11.46 5.79 22.48
CA ARG A 218 12.71 5.14 22.91
C ARG A 218 12.62 3.66 22.60
N GLY A 219 13.79 3.03 22.62
CA GLY A 219 13.88 1.58 22.55
C GLY A 219 13.25 1.01 21.30
N PRO A 220 12.21 0.19 21.49
CA PRO A 220 11.61 -0.54 20.38
C PRO A 220 10.60 0.26 19.56
N SER A 221 10.13 1.37 20.12
CA SER A 221 9.16 2.22 19.44
C SER A 221 9.83 3.04 18.36
N SER A 222 11.10 3.34 18.60
CA SER A 222 11.92 4.13 17.68
C SER A 222 12.01 3.50 16.31
N TYR A 223 11.41 2.32 16.16
CA TYR A 223 11.50 1.55 14.95
C TYR A 223 10.35 1.82 13.99
N TYR A 224 9.29 2.44 14.48
CA TYR A 224 8.04 2.51 13.73
C TYR A 224 7.80 3.90 13.19
N ASN A 225 8.53 4.17 12.13
CA ASN A 225 8.38 5.38 11.37
C ASN A 225 8.90 5.03 9.99
N VAL A 226 8.50 5.82 9.01
CA VAL A 226 8.87 5.50 7.64
C VAL A 226 10.38 5.46 7.52
N GLU A 227 11.04 6.48 8.08
CA GLU A 227 12.49 6.62 8.00
C GLU A 227 13.24 5.39 8.50
N TYR A 228 12.78 4.84 9.61
CA TYR A 228 13.43 3.66 10.11
C TYR A 228 13.18 2.47 9.19
N ALA A 229 11.94 2.29 8.73
CA ALA A 229 11.62 1.14 7.90
C ALA A 229 12.45 1.08 6.63
N VAL A 230 12.59 2.21 5.96
CA VAL A 230 13.40 2.21 4.74
C VAL A 230 14.85 1.84 5.03
N GLY A 231 15.41 2.43 6.08
CA GLY A 231 16.83 2.27 6.34
C GLY A 231 17.12 0.82 6.63
N TYR A 232 16.16 0.15 7.25
CA TYR A 232 16.34 -1.24 7.65
C TYR A 232 16.26 -2.21 6.49
N TRP A 233 15.41 -1.94 5.51
CA TRP A 233 15.35 -2.80 4.33
C TRP A 233 16.63 -2.61 3.53
N ILE A 234 17.27 -1.47 3.72
CA ILE A 234 18.55 -1.16 3.07
C ILE A 234 19.69 -1.79 3.84
N HIS A 235 19.66 -1.66 5.17
CA HIS A 235 20.64 -2.30 6.00
C HIS A 235 20.55 -3.81 5.87
N LYS A 236 19.40 -4.33 5.48
CA LYS A 236 19.24 -5.78 5.45
C LYS A 236 19.58 -6.36 4.09
N GLY A 237 19.83 -5.52 3.11
CA GLY A 237 20.34 -6.00 1.82
C GLY A 237 19.53 -5.67 0.57
N MET A 238 18.54 -4.80 0.69
CA MET A 238 17.76 -4.40 -0.47
C MET A 238 18.29 -3.08 -1.01
N PRO A 239 18.67 -3.05 -2.28
CA PRO A 239 19.17 -1.79 -2.81
C PRO A 239 18.11 -0.72 -2.75
N SER A 240 18.54 0.54 -2.75
CA SER A 240 17.63 1.65 -2.56
C SER A 240 16.63 1.72 -3.71
N GLU A 241 17.15 1.67 -4.93
CA GLU A 241 16.36 1.81 -6.14
C GLU A 241 15.21 0.78 -6.19
N LYS A 242 15.24 -0.21 -5.31
CA LYS A 242 14.23 -1.27 -5.30
C LYS A 242 13.21 -1.11 -4.21
N VAL A 243 13.36 -0.04 -3.44
CA VAL A 243 12.38 0.30 -2.45
C VAL A 243 11.41 1.33 -2.99
N VAL A 244 10.19 0.91 -3.23
CA VAL A 244 9.12 1.85 -3.50
C VAL A 244 8.45 2.07 -2.17
N MET A 245 8.49 3.30 -1.71
CA MET A 245 8.02 3.69 -0.38
C MET A 245 6.52 3.92 -0.32
N GLY A 246 5.89 3.30 0.67
CA GLY A 246 4.45 3.38 0.86
C GLY A 246 4.01 4.63 1.56
N ILE A 247 2.99 5.25 1.00
CA ILE A 247 2.38 6.45 1.53
C ILE A 247 0.88 6.26 1.55
N PRO A 248 0.21 6.56 2.67
CA PRO A 248 -1.23 6.28 2.81
C PRO A 248 -2.12 7.46 2.47
N THR A 249 -3.29 7.18 1.92
CA THR A 249 -4.28 8.21 1.67
C THR A 249 -5.43 8.18 2.68
N TYR A 250 -5.20 7.58 3.84
CA TYR A 250 -6.20 7.52 4.87
C TYR A 250 -5.54 7.87 6.19
N GLY A 251 -6.34 8.01 7.23
CA GLY A 251 -5.81 8.30 8.56
C GLY A 251 -6.46 7.42 9.60
N HIS A 252 -5.98 7.53 10.82
CA HIS A 252 -6.51 6.72 11.90
C HIS A 252 -7.05 7.60 12.98
N SER A 253 -8.17 7.13 13.51
CA SER A 253 -9.10 7.94 14.26
C SER A 253 -9.15 7.44 15.68
N PHE A 254 -9.08 8.35 16.63
CA PHE A 254 -9.27 7.97 18.03
C PHE A 254 -10.35 8.79 18.69
N THR A 255 -11.03 8.15 19.64
CA THR A 255 -11.90 8.84 20.55
C THR A 255 -11.13 9.17 21.82
N LEU A 256 -10.99 10.45 22.10
CA LEU A 256 -10.17 10.90 23.22
C LEU A 256 -10.80 10.59 24.58
N ALA A 257 -10.01 10.01 25.48
CA ALA A 257 -10.48 9.72 26.85
C ALA A 257 -10.53 10.97 27.74
N SER A 258 -9.46 11.75 27.70
CA SER A 258 -9.36 12.97 28.49
C SER A 258 -9.51 14.18 27.58
N ALA A 259 -9.04 15.34 28.05
CA ALA A 259 -9.00 16.54 27.22
C ALA A 259 -7.58 16.85 26.77
N GLU A 260 -6.73 15.84 26.89
CA GLU A 260 -5.35 15.90 26.44
C GLU A 260 -5.35 15.63 24.94
N THR A 261 -4.97 16.64 24.14
CA THR A 261 -5.07 16.48 22.69
C THR A 261 -3.75 16.16 22.00
N THR A 262 -2.77 15.65 22.74
CA THR A 262 -1.44 15.43 22.15
C THR A 262 -1.10 13.98 21.93
N VAL A 263 0.00 13.75 21.25
CA VAL A 263 0.42 12.40 20.97
C VAL A 263 0.72 11.72 22.30
N GLY A 264 0.13 10.55 22.48
CA GLY A 264 0.32 9.80 23.72
C GLY A 264 -0.87 9.92 24.65
N ALA A 265 -1.74 10.89 24.41
CA ALA A 265 -2.94 11.04 25.21
C ALA A 265 -3.82 9.78 25.17
N PRO A 266 -4.67 9.61 26.21
CA PRO A 266 -5.48 8.39 26.35
C PRO A 266 -6.74 8.38 25.52
N ALA A 267 -7.04 7.25 24.93
CA ALA A 267 -8.22 7.12 24.08
C ALA A 267 -9.25 6.14 24.63
N SER A 268 -10.52 6.49 24.42
CA SER A 268 -11.65 5.62 24.75
C SER A 268 -11.65 4.43 23.83
N GLY A 269 -11.45 4.72 22.54
CA GLY A 269 -11.39 3.70 21.50
C GLY A 269 -11.23 4.34 20.15
N PRO A 270 -11.55 3.61 19.06
CA PRO A 270 -11.38 4.28 17.79
C PRO A 270 -12.40 5.36 17.56
N GLY A 271 -12.04 6.34 16.74
CA GLY A 271 -12.90 7.47 16.50
C GLY A 271 -14.12 7.02 15.77
N ALA A 272 -15.08 7.93 15.66
CA ALA A 272 -16.34 7.61 15.01
C ALA A 272 -16.11 7.27 13.54
N ALA A 273 -16.67 6.14 13.12
CA ALA A 273 -16.62 5.72 11.72
C ALA A 273 -17.08 6.85 10.83
N GLY A 274 -16.49 6.93 9.64
CA GLY A 274 -16.83 7.99 8.71
C GLY A 274 -18.14 7.71 8.00
N PRO A 275 -18.70 8.73 7.34
CA PRO A 275 -20.03 8.50 6.81
C PRO A 275 -20.07 7.63 5.60
N ILE A 276 -18.91 7.48 4.94
CA ILE A 276 -18.87 6.67 3.74
C ILE A 276 -18.14 5.37 3.97
N THR A 277 -17.07 5.45 4.73
CA THR A 277 -16.16 4.35 4.91
C THR A 277 -16.70 3.39 5.94
N GLU A 278 -17.53 3.93 6.82
CA GLU A 278 -18.25 3.16 7.81
C GLU A 278 -17.37 2.14 8.50
N SER A 279 -16.18 2.57 8.91
CA SER A 279 -15.24 1.70 9.59
C SER A 279 -14.63 2.47 10.75
N SER A 280 -14.66 1.86 11.93
CA SER A 280 -14.27 2.54 13.16
C SER A 280 -12.78 2.78 13.23
N GLY A 281 -12.38 4.04 13.34
CA GLY A 281 -10.96 4.36 13.51
C GLY A 281 -10.21 4.45 12.19
N PHE A 282 -10.93 4.81 11.16
CA PHE A 282 -10.37 4.85 9.84
C PHE A 282 -11.08 5.95 9.06
N LEU A 283 -10.30 6.75 8.34
CA LEU A 283 -10.86 7.82 7.55
C LEU A 283 -10.17 7.99 6.21
N ALA A 284 -10.98 8.01 5.17
CA ALA A 284 -10.51 8.31 3.83
C ALA A 284 -10.22 9.78 3.78
N TYR A 285 -9.24 10.17 2.98
CA TYR A 285 -8.92 11.57 2.88
C TYR A 285 -10.09 12.41 2.42
N TYR A 286 -11.01 11.83 1.69
CA TYR A 286 -12.18 12.60 1.28
C TYR A 286 -13.15 12.81 2.47
N GLU A 287 -12.98 11.97 3.49
CA GLU A 287 -13.70 12.11 4.72
C GLU A 287 -12.94 13.10 5.59
N ILE A 288 -11.62 12.99 5.57
CA ILE A 288 -10.77 13.90 6.35
C ILE A 288 -10.92 15.38 5.97
N CYS A 289 -11.19 15.67 4.72
CA CYS A 289 -11.32 17.06 4.30
C CYS A 289 -12.52 17.72 4.95
N GLN A 290 -13.59 16.95 5.13
CA GLN A 290 -14.77 17.45 5.83
C GLN A 290 -14.47 17.61 7.34
N PHE A 291 -13.90 16.57 7.94
CA PHE A 291 -13.53 16.64 9.32
C PHE A 291 -12.66 17.82 9.66
N LEU A 292 -11.73 18.17 8.78
CA LEU A 292 -10.82 19.28 9.06
C LEU A 292 -11.59 20.57 9.17
N LYS A 293 -12.78 20.59 8.60
CA LYS A 293 -13.61 21.78 8.66
C LYS A 293 -13.95 22.04 10.11
N GLY A 294 -13.32 23.07 10.66
CA GLY A 294 -13.58 23.48 12.03
C GLY A 294 -12.79 22.64 13.02
N ALA A 295 -11.52 22.40 12.70
CA ALA A 295 -10.70 21.58 13.52
C ALA A 295 -9.42 22.31 13.79
N LYS A 296 -8.57 21.66 14.58
CA LYS A 296 -7.29 22.21 14.94
C LYS A 296 -6.24 21.25 14.46
N ILE A 297 -5.39 21.72 13.57
CA ILE A 297 -4.40 20.87 12.96
C ILE A 297 -3.05 21.22 13.50
N THR A 298 -2.28 20.20 13.84
CA THR A 298 -0.95 20.39 14.34
C THR A 298 0.02 19.56 13.53
N TRP A 299 1.19 20.14 13.30
CA TRP A 299 2.24 19.51 12.54
C TRP A 299 3.39 19.05 13.44
N LEU A 300 3.49 17.75 13.64
CA LEU A 300 4.58 17.21 14.44
C LEU A 300 5.93 17.52 13.83
N GLN A 301 6.60 18.48 14.44
CA GLN A 301 7.91 18.91 13.99
C GLN A 301 8.89 17.73 13.95
N ASP A 302 8.78 16.82 14.94
CA ASP A 302 9.75 15.74 15.06
C ASP A 302 9.40 14.60 14.13
N GLN A 303 8.13 14.23 14.12
CA GLN A 303 7.69 13.10 13.32
C GLN A 303 7.42 13.50 11.87
N GLN A 304 7.09 14.76 11.65
CA GLN A 304 6.91 15.33 10.32
C GLN A 304 5.65 14.82 9.66
N VAL A 305 4.53 15.17 10.25
CA VAL A 305 3.26 14.70 9.74
C VAL A 305 2.19 15.35 10.59
N PRO A 306 0.95 15.53 10.06
CA PRO A 306 0.07 16.29 10.91
C PRO A 306 -0.98 15.46 11.63
N TYR A 307 -1.72 16.13 12.50
CA TYR A 307 -2.92 15.54 13.10
C TYR A 307 -3.91 16.64 13.39
N ALA A 308 -5.16 16.24 13.54
CA ALA A 308 -6.20 17.22 13.72
C ALA A 308 -7.10 16.83 14.89
N VAL A 309 -7.56 17.86 15.62
CA VAL A 309 -8.53 17.64 16.69
C VAL A 309 -9.80 18.39 16.45
N LYS A 310 -10.91 17.68 16.62
CA LYS A 310 -12.20 18.33 16.65
C LYS A 310 -13.07 17.59 17.65
N GLY A 311 -13.56 18.34 18.63
CA GLY A 311 -14.27 17.76 19.77
C GLY A 311 -13.37 16.77 20.46
N ASN A 312 -13.83 15.52 20.55
CA ASN A 312 -13.07 14.45 21.17
C ASN A 312 -12.52 13.46 20.16
N GLN A 313 -12.38 13.92 18.91
CA GLN A 313 -11.88 13.07 17.84
C GLN A 313 -10.49 13.52 17.45
N TRP A 314 -9.60 12.54 17.36
CA TRP A 314 -8.20 12.77 17.05
C TRP A 314 -7.86 12.03 15.77
N VAL A 315 -7.38 12.76 14.76
CA VAL A 315 -7.03 12.12 13.49
C VAL A 315 -5.59 12.35 13.06
N GLY A 316 -4.86 11.26 12.93
CA GLY A 316 -3.51 11.32 12.44
C GLY A 316 -3.55 10.94 10.98
N TYR A 317 -3.14 11.85 10.10
CA TYR A 317 -3.30 11.64 8.68
C TYR A 317 -2.10 12.15 7.89
N ASP A 318 -2.16 12.03 6.57
CA ASP A 318 -1.12 12.60 5.73
C ASP A 318 -1.78 13.61 4.85
N ASP A 319 -1.09 14.71 4.60
CA ASP A 319 -1.60 15.74 3.72
C ASP A 319 -0.55 16.15 2.70
N VAL A 320 -0.89 17.14 1.90
CA VAL A 320 0.02 17.60 0.87
C VAL A 320 1.41 17.89 1.37
N LYS A 321 1.56 18.71 2.40
CA LYS A 321 2.90 18.97 2.95
C LYS A 321 3.56 17.70 3.37
N SER A 322 2.74 16.70 3.70
CA SER A 322 3.25 15.42 4.13
C SER A 322 3.77 14.66 2.93
N MET A 323 3.04 14.75 1.83
CA MET A 323 3.42 14.04 0.63
C MET A 323 4.76 14.57 0.16
N GLU A 324 4.89 15.88 0.08
CA GLU A 324 6.10 16.46 -0.43
C GLU A 324 7.27 16.30 0.50
N THR A 325 7.01 16.30 1.78
CA THR A 325 8.08 16.07 2.72
C THR A 325 8.63 14.66 2.57
N LYS A 326 7.75 13.69 2.37
CA LYS A 326 8.17 12.31 2.27
C LYS A 326 8.80 12.04 0.91
N VAL A 327 8.29 12.72 -0.10
CA VAL A 327 8.88 12.63 -1.42
C VAL A 327 10.33 13.09 -1.37
N GLN A 328 10.58 14.23 -0.76
CA GLN A 328 11.93 14.73 -0.66
C GLN A 328 12.81 13.69 0.01
N PHE A 329 12.30 13.11 1.08
CA PHE A 329 13.05 12.10 1.83
C PHE A 329 13.42 10.93 0.94
N LEU A 330 12.52 10.56 0.06
CA LEU A 330 12.76 9.39 -0.75
C LEU A 330 13.73 9.69 -1.89
N LYS A 331 13.71 10.92 -2.40
CA LYS A 331 14.73 11.34 -3.38
C LYS A 331 16.09 11.34 -2.74
N ASN A 332 16.14 11.78 -1.48
CA ASN A 332 17.40 11.91 -0.75
C ASN A 332 18.09 10.60 -0.53
N LEU A 333 17.30 9.53 -0.42
CA LEU A 333 17.85 8.19 -0.22
C LEU A 333 17.81 7.35 -1.46
N ASN A 334 17.56 7.97 -2.61
CA ASN A 334 17.71 7.27 -3.88
C ASN A 334 16.90 6.01 -3.91
N LEU A 335 15.62 6.15 -3.54
CA LEU A 335 14.70 5.04 -3.54
C LEU A 335 14.04 4.98 -4.89
N GLY A 336 13.33 3.89 -5.12
CA GLY A 336 12.68 3.69 -6.42
C GLY A 336 11.53 4.62 -6.74
N GLY A 337 10.82 5.06 -5.72
CA GLY A 337 9.64 5.91 -5.92
C GLY A 337 8.65 5.75 -4.79
N ALA A 338 7.41 6.14 -5.07
CA ALA A 338 6.37 6.12 -4.06
C ALA A 338 5.31 5.12 -4.43
N MET A 339 4.70 4.55 -3.41
CA MET A 339 3.60 3.65 -3.61
C MET A 339 2.48 4.20 -2.77
N ILE A 340 1.28 4.18 -3.36
CA ILE A 340 0.11 4.73 -2.72
C ILE A 340 -0.88 3.64 -2.33
N TRP A 341 -1.23 3.61 -1.04
CA TRP A 341 -2.30 2.76 -0.60
C TRP A 341 -3.39 3.60 0.04
N SER A 342 -4.55 3.74 -0.59
CA SER A 342 -4.83 3.31 -1.95
C SER A 342 -5.54 4.48 -2.60
N ILE A 343 -5.63 4.49 -3.93
CA ILE A 343 -6.06 5.71 -4.60
C ILE A 343 -7.52 5.95 -4.51
N ASP A 344 -8.26 4.92 -4.14
CA ASP A 344 -9.70 5.07 -3.96
C ASP A 344 -10.09 5.82 -2.66
N MET A 345 -9.09 6.04 -1.79
CA MET A 345 -9.30 6.82 -0.54
C MET A 345 -8.84 8.26 -0.67
N ASP A 346 -8.21 8.60 -1.78
CA ASP A 346 -7.84 9.97 -2.03
C ASP A 346 -9.10 10.60 -2.58
N ASP A 347 -9.11 11.92 -2.65
CA ASP A 347 -10.27 12.61 -3.15
C ASP A 347 -10.28 12.52 -4.68
N PHE A 348 -10.70 11.36 -5.19
CA PHE A 348 -10.61 11.10 -6.63
C PHE A 348 -11.63 11.86 -7.46
N THR A 349 -12.84 12.07 -6.96
CA THR A 349 -13.85 12.85 -7.69
C THR A 349 -13.50 14.31 -7.62
N GLY A 350 -12.73 14.69 -6.59
CA GLY A 350 -12.22 16.04 -6.44
C GLY A 350 -13.21 17.01 -5.84
N LYS A 351 -14.36 16.52 -5.44
CA LYS A 351 -15.42 17.41 -5.01
C LYS A 351 -15.61 17.49 -3.49
N SER A 352 -14.98 16.60 -2.74
CA SER A 352 -14.90 16.75 -1.29
C SER A 352 -13.92 17.83 -0.86
N CYS A 353 -12.66 17.69 -1.25
CA CYS A 353 -11.59 18.62 -0.84
C CYS A 353 -11.45 19.84 -1.72
N ASN A 354 -12.17 19.83 -2.84
CA ASN A 354 -12.15 20.89 -3.84
C ASN A 354 -10.80 21.33 -4.37
N GLN A 355 -9.83 20.44 -4.43
CA GLN A 355 -8.49 20.76 -4.93
C GLN A 355 -8.15 19.94 -6.18
N GLY A 356 -9.18 19.56 -6.90
CA GLY A 356 -8.99 18.79 -8.11
C GLY A 356 -8.97 17.34 -7.71
N PRO A 357 -9.30 16.44 -8.67
CA PRO A 357 -9.22 15.01 -8.40
C PRO A 357 -7.82 14.63 -7.93
N TYR A 358 -7.77 13.54 -7.18
CA TYR A 358 -6.56 13.04 -6.54
C TYR A 358 -5.65 14.13 -6.02
N PRO A 359 -6.14 14.94 -5.07
CA PRO A 359 -5.24 15.99 -4.61
C PRO A 359 -3.93 15.49 -4.02
N LEU A 360 -3.96 14.40 -3.28
CA LEU A 360 -2.73 13.93 -2.65
C LEU A 360 -1.80 13.34 -3.70
N VAL A 361 -2.32 12.44 -4.51
CA VAL A 361 -1.47 11.75 -5.48
C VAL A 361 -0.89 12.71 -6.54
N GLN A 362 -1.65 13.71 -6.95
CA GLN A 362 -1.07 14.73 -7.81
C GLN A 362 0.11 15.41 -7.16
N ALA A 363 0.01 15.61 -5.86
CA ALA A 363 1.09 16.21 -5.10
C ALA A 363 2.32 15.32 -5.07
N VAL A 364 2.11 14.02 -4.92
CA VAL A 364 3.21 13.06 -4.97
C VAL A 364 3.79 13.02 -6.37
N LYS A 365 2.90 12.97 -7.36
CA LYS A 365 3.28 12.94 -8.77
C LYS A 365 4.07 14.18 -9.16
N ARG A 366 3.61 15.32 -8.69
CA ARG A 366 4.23 16.58 -9.04
C ARG A 366 5.57 16.66 -8.37
N SER A 367 5.62 16.21 -7.13
CA SER A 367 6.79 16.42 -6.31
C SER A 367 7.91 15.52 -6.77
N LEU A 368 7.51 14.35 -7.27
CA LEU A 368 8.47 13.38 -7.78
C LEU A 368 9.10 13.89 -9.05
N GLY A 369 8.26 14.36 -9.96
CA GLY A 369 8.70 14.85 -11.24
C GLY A 369 9.47 16.15 -11.19
N SER A 370 9.18 16.99 -10.22
CA SER A 370 9.89 18.24 -10.11
C SER A 370 11.37 17.95 -10.01
N LEU A 371 12.12 18.65 -10.83
CA LEU A 371 13.56 18.55 -10.80
C LEU A 371 14.07 19.36 -9.62
S SO4 B . 0.85 20.90 -12.74
O1 SO4 B . 1.66 21.91 -11.99
O2 SO4 B . 1.04 21.04 -14.21
O3 SO4 B . -0.59 21.06 -12.40
O4 SO4 B . 1.33 19.55 -12.38
S SO4 C . -4.16 -17.00 8.54
O1 SO4 C . -4.58 -15.83 9.35
O2 SO4 C . -3.21 -17.83 9.31
O3 SO4 C . -3.50 -16.53 7.31
O4 SO4 C . -5.34 -17.84 8.23
C1 PEG D . -2.61 -2.69 4.75
O1 PEG D . -2.01 -2.91 3.47
C2 PEG D . -3.97 -2.04 4.59
O2 PEG D . -4.09 -0.95 5.51
C3 PEG D . -5.13 -0.04 5.17
C4 PEG D . -6.42 -0.32 5.95
O4 PEG D . -7.61 -0.06 5.15
#